data_4MUU
#
_entry.id   4MUU
#
_cell.length_a   61.560
_cell.length_b   84.590
_cell.length_c   127.260
_cell.angle_alpha   90.00
_cell.angle_beta   95.61
_cell.angle_gamma   90.00
#
_symmetry.space_group_name_H-M   'C 1 2 1'
#
loop_
_entity.id
_entity.type
_entity.pdbx_description
1 polymer 'Thiamine transporter ThiT'
2 non-polymer 1-[(4-AMINO-2-METHYLPYRIMIDIN-5-YL)METHYL]-3-(2-HYDROXYETHYL)-2-METHYLPYRIDINIUM
3 non-polymer 'nonyl beta-D-glucopyranoside'
4 non-polymer DI(HYDROXYETHYL)ETHER
5 non-polymer 2-(2-METHOXYETHOXY)ETHANOL
6 non-polymer 'TETRAETHYLENE GLYCOL'
7 non-polymer 'PENTAETHYLENE GLYCOL'
8 non-polymer 'TRIETHYLENE GLYCOL'
9 non-polymer 'HEXAETHYLENE GLYCOL'
10 non-polymer 3,6,9,12,15,18,21,24-OCTAOXAHEXACOSAN-1-OL
11 water water
#
_entity_poly.entity_id   1
_entity_poly.type   'polypeptide(L)'
_entity_poly.pdbx_seq_one_letter_code
;MHHHHHHHHAMSNSKFNVRLLTEIAFMAALAFIISLIPNTVYGWIIVEIACIPILLLSLRRGLTAGLVGGLIWGILSMIT
GHAYILSLSQAFLEYLVAPVSLGIAGLFRQKTAPLKLAPVLLGTFVAVLLKYFFHFIAGIIFWSQYAWKGWGAVAYSLAV
NGISGILTAIAAFVILIIFVKKFPKLFIHSNY
;
_entity_poly.pdbx_strand_id   A,B
#
loop_
_chem_comp.id
_chem_comp.type
_chem_comp.name
_chem_comp.formula
1PE non-polymer 'PENTAETHYLENE GLYCOL' 'C10 H22 O6'
218 non-polymer 1-[(4-AMINO-2-METHYLPYRIMIDIN-5-YL)METHYL]-3-(2-HYDROXYETHYL)-2-METHYLPYRIDINIUM 'C14 H19 N4 O 1'
BNG D-saccharide 'nonyl beta-D-glucopyranoside' 'C15 H30 O6'
P6G non-polymer 'HEXAETHYLENE GLYCOL' 'C12 H26 O7'
PE5 non-polymer 3,6,9,12,15,18,21,24-OCTAOXAHEXACOSAN-1-OL 'C18 H38 O9'
PEG non-polymer DI(HYDROXYETHYL)ETHER 'C4 H10 O3'
PG0 non-polymer 2-(2-METHOXYETHOXY)ETHANOL 'C5 H12 O3'
PG4 non-polymer 'TETRAETHYLENE GLYCOL' 'C8 H18 O5'
PGE non-polymer 'TRIETHYLENE GLYCOL' 'C6 H14 O4'
#
# COMPACT_ATOMS: atom_id res chain seq x y z
N LYS A 15 15.95 -12.81 -25.44
CA LYS A 15 15.50 -13.81 -24.47
C LYS A 15 16.44 -15.00 -24.54
N PHE A 16 17.65 -14.74 -25.03
CA PHE A 16 18.68 -15.76 -25.16
C PHE A 16 18.83 -16.57 -23.89
N ASN A 17 19.00 -17.87 -24.06
CA ASN A 17 18.78 -18.83 -22.99
C ASN A 17 19.72 -18.72 -21.80
N VAL A 18 21.03 -18.64 -22.04
CA VAL A 18 21.99 -18.65 -20.93
C VAL A 18 21.85 -17.43 -20.05
N ARG A 19 21.74 -16.26 -20.68
CA ARG A 19 21.60 -15.03 -19.93
C ARG A 19 20.25 -15.09 -19.20
N LEU A 20 19.21 -15.55 -19.91
CA LEU A 20 17.88 -15.63 -19.31
C LEU A 20 17.90 -16.55 -18.08
N LEU A 21 18.40 -17.78 -18.24
CA LEU A 21 18.49 -18.70 -17.12
C LEU A 21 19.30 -18.13 -15.94
N THR A 22 20.34 -17.37 -16.27
CA THR A 22 21.23 -16.82 -15.26
C THR A 22 20.53 -15.76 -14.43
N GLU A 23 19.76 -14.90 -15.08
CA GLU A 23 19.02 -13.87 -14.38
C GLU A 23 17.97 -14.53 -13.45
N ILE A 24 17.26 -15.53 -13.96
CA ILE A 24 16.30 -16.29 -13.17
C ILE A 24 16.92 -16.88 -11.90
N ALA A 25 18.00 -17.62 -12.09
CA ALA A 25 18.70 -18.20 -10.95
C ALA A 25 19.15 -17.10 -9.98
N PHE A 26 19.63 -16.00 -10.53
CA PHE A 26 20.19 -14.92 -9.71
C PHE A 26 19.10 -14.31 -8.85
N MET A 27 17.91 -14.12 -9.41
CA MET A 27 16.86 -13.42 -8.68
C MET A 27 16.20 -14.30 -7.66
N ALA A 28 16.09 -15.60 -7.96
CA ALA A 28 15.59 -16.58 -6.99
C ALA A 28 16.55 -16.64 -5.82
N ALA A 29 17.84 -16.70 -6.11
CA ALA A 29 18.84 -16.75 -5.05
C ALA A 29 18.77 -15.50 -4.18
N LEU A 30 18.59 -14.35 -4.84
CA LEU A 30 18.50 -13.06 -4.18
C LEU A 30 17.30 -12.97 -3.27
N ALA A 31 16.16 -13.40 -3.78
CA ALA A 31 14.96 -13.47 -3.01
C ALA A 31 15.17 -14.36 -1.78
N PHE A 32 15.87 -15.46 -1.95
CA PHE A 32 16.05 -16.38 -0.84
C PHE A 32 16.89 -15.75 0.22
N ILE A 33 17.91 -15.03 -0.23
CA ILE A 33 18.90 -14.45 0.65
C ILE A 33 18.25 -13.28 1.40
N ILE A 34 17.49 -12.46 0.69
CA ILE A 34 16.77 -11.38 1.35
C ILE A 34 15.76 -11.92 2.36
N SER A 35 15.17 -13.09 2.06
CA SER A 35 14.19 -13.74 2.92
C SER A 35 14.82 -14.18 4.26
N LEU A 36 16.13 -14.06 4.36
CA LEU A 36 16.80 -14.38 5.63
C LEU A 36 16.81 -13.17 6.56
N ILE A 37 16.50 -11.99 6.03
CA ILE A 37 16.43 -10.79 6.86
C ILE A 37 15.17 -10.87 7.73
N PRO A 38 15.29 -10.62 9.05
CA PRO A 38 14.06 -10.51 9.88
C PRO A 38 13.04 -9.53 9.29
N ASN A 39 11.76 -9.92 9.21
CA ASN A 39 10.75 -9.06 8.58
C ASN A 39 9.41 -9.03 9.30
N THR A 40 9.40 -9.43 10.56
CA THR A 40 8.16 -9.52 11.33
C THR A 40 7.81 -8.18 11.95
N VAL A 41 6.56 -7.76 11.77
CA VAL A 41 6.04 -6.57 12.42
C VAL A 41 5.32 -6.97 13.69
N TYR A 42 4.49 -8.00 13.58
CA TYR A 42 3.76 -8.53 14.75
C TYR A 42 3.14 -9.85 14.35
N GLY A 43 3.57 -10.90 15.04
CA GLY A 43 3.11 -12.26 14.77
C GLY A 43 3.41 -12.57 13.32
N TRP A 44 2.40 -13.03 12.60
CA TRP A 44 2.56 -13.32 11.18
C TRP A 44 2.34 -12.10 10.26
N ILE A 45 2.23 -10.92 10.86
CA ILE A 45 2.23 -9.71 10.06
C ILE A 45 3.66 -9.34 9.72
N ILE A 46 3.99 -9.44 8.43
CA ILE A 46 5.36 -9.28 7.98
C ILE A 46 5.43 -8.30 6.81
N VAL A 47 6.63 -7.83 6.50
CA VAL A 47 6.81 -7.13 5.25
C VAL A 47 7.81 -7.91 4.39
N GLU A 48 7.24 -8.55 3.38
CA GLU A 48 7.97 -9.57 2.67
C GLU A 48 8.79 -8.99 1.52
N ILE A 49 9.85 -8.31 1.91
CA ILE A 49 10.75 -7.67 1.00
C ILE A 49 11.37 -8.65 0.02
N ALA A 50 11.35 -9.93 0.38
CA ALA A 50 11.93 -11.00 -0.46
C ALA A 50 11.16 -11.22 -1.79
N CYS A 51 9.94 -10.72 -1.86
CA CYS A 51 9.15 -10.79 -3.07
C CYS A 51 9.79 -9.91 -4.15
N ILE A 52 10.59 -8.94 -3.75
CA ILE A 52 11.01 -7.90 -4.69
C ILE A 52 11.89 -8.39 -5.87
N PRO A 53 12.90 -9.23 -5.61
CA PRO A 53 13.70 -9.79 -6.72
C PRO A 53 12.84 -10.54 -7.74
N ILE A 54 11.82 -11.25 -7.27
CA ILE A 54 10.95 -11.96 -8.18
C ILE A 54 10.06 -10.99 -8.95
N LEU A 55 9.57 -9.94 -8.28
CA LEU A 55 8.79 -8.92 -8.98
C LEU A 55 9.61 -8.26 -10.07
N LEU A 56 10.87 -8.01 -9.76
CA LEU A 56 11.72 -7.35 -10.73
C LEU A 56 11.96 -8.30 -11.88
N LEU A 57 12.17 -9.58 -11.58
CA LEU A 57 12.44 -10.57 -12.64
C LEU A 57 11.25 -10.66 -13.59
N SER A 58 10.07 -10.73 -13.00
CA SER A 58 8.84 -10.86 -13.76
C SER A 58 8.61 -9.62 -14.65
N LEU A 59 8.71 -8.43 -14.06
CA LEU A 59 8.55 -7.19 -14.79
C LEU A 59 9.50 -7.06 -15.96
N ARG A 60 10.75 -7.48 -15.79
CA ARG A 60 11.76 -7.38 -16.85
C ARG A 60 11.64 -8.51 -17.90
N ARG A 61 11.43 -9.75 -17.45
CA ARG A 61 11.54 -10.90 -18.35
C ARG A 61 10.20 -11.55 -18.71
N GLY A 62 9.13 -11.22 -17.98
CA GLY A 62 7.82 -11.67 -18.39
C GLY A 62 7.29 -12.80 -17.52
N LEU A 63 6.10 -13.29 -17.86
CA LEU A 63 5.33 -14.20 -17.01
C LEU A 63 6.10 -15.49 -16.69
N THR A 64 6.45 -16.24 -17.73
CA THR A 64 7.07 -17.53 -17.50
C THR A 64 8.34 -17.43 -16.65
N ALA A 65 9.21 -16.48 -16.93
CA ALA A 65 10.43 -16.36 -16.15
C ALA A 65 10.09 -16.12 -14.69
N GLY A 66 9.16 -15.19 -14.43
CA GLY A 66 8.73 -14.89 -13.07
C GLY A 66 8.19 -16.10 -12.34
N LEU A 67 7.39 -16.89 -13.04
CA LEU A 67 6.80 -18.08 -12.44
C LEU A 67 7.91 -19.02 -12.00
N VAL A 68 8.91 -19.18 -12.86
CA VAL A 68 9.99 -20.15 -12.59
C VAL A 68 10.87 -19.63 -11.46
N GLY A 69 11.12 -18.31 -11.46
CA GLY A 69 11.88 -17.68 -10.40
C GLY A 69 11.20 -17.86 -9.04
N GLY A 70 9.89 -17.73 -9.03
CA GLY A 70 9.12 -17.93 -7.82
C GLY A 70 9.15 -19.36 -7.34
N LEU A 71 8.98 -20.29 -8.27
CA LEU A 71 9.13 -21.70 -8.01
C LEU A 71 10.45 -21.99 -7.33
N ILE A 72 11.54 -21.51 -7.91
CA ILE A 72 12.87 -21.80 -7.40
C ILE A 72 13.00 -21.25 -5.98
N TRP A 73 12.56 -20.01 -5.76
CA TRP A 73 12.68 -19.39 -4.43
C TRP A 73 11.93 -20.21 -3.35
N GLY A 74 10.72 -20.63 -3.68
CA GLY A 74 9.91 -21.44 -2.79
C GLY A 74 10.56 -22.77 -2.46
N ILE A 75 11.16 -23.40 -3.47
CA ILE A 75 11.87 -24.64 -3.26
C ILE A 75 13.03 -24.39 -2.30
N LEU A 76 13.78 -23.33 -2.53
CA LEU A 76 14.88 -22.97 -1.65
C LEU A 76 14.43 -22.80 -0.19
N SER A 77 13.32 -22.10 0.01
CA SER A 77 12.80 -21.82 1.31
C SER A 77 12.56 -23.13 2.04
N MET A 78 11.92 -24.06 1.36
CA MET A 78 11.62 -25.35 1.95
C MET A 78 12.87 -26.24 2.17
N ILE A 79 13.75 -26.39 1.18
CA ILE A 79 14.85 -27.38 1.33
C ILE A 79 15.95 -26.90 2.27
N THR A 80 16.01 -25.61 2.56
CA THR A 80 16.94 -25.05 3.54
C THR A 80 16.37 -24.93 4.96
N GLY A 81 15.14 -25.41 5.17
CA GLY A 81 14.55 -25.38 6.50
C GLY A 81 13.97 -24.03 6.94
N HIS A 82 13.72 -23.13 6.00
CA HIS A 82 13.23 -21.79 6.34
C HIS A 82 11.74 -21.63 6.15
N ALA A 83 11.12 -22.63 5.55
CA ALA A 83 9.69 -22.61 5.36
C ALA A 83 9.03 -23.06 6.64
N TYR A 84 7.88 -22.47 6.94
CA TYR A 84 7.06 -22.94 8.06
C TYR A 84 5.97 -23.81 7.47
N ILE A 85 6.10 -25.11 7.72
CA ILE A 85 5.27 -26.11 7.08
C ILE A 85 4.39 -26.80 8.10
N LEU A 86 3.08 -26.83 7.84
CA LEU A 86 2.10 -27.47 8.72
C LEU A 86 1.55 -28.77 8.13
N SER A 87 1.57 -28.86 6.81
CA SER A 87 1.17 -30.06 6.08
C SER A 87 1.65 -29.93 4.62
N LEU A 88 1.48 -30.99 3.86
CA LEU A 88 1.90 -31.00 2.45
C LEU A 88 1.05 -30.06 1.61
N SER A 89 -0.26 -30.10 1.83
CA SER A 89 -1.16 -29.18 1.14
C SER A 89 -0.80 -27.73 1.45
N GLN A 90 -0.60 -27.41 2.72
CA GLN A 90 -0.32 -26.04 3.11
C GLN A 90 1.02 -25.57 2.53
N ALA A 91 2.02 -26.46 2.55
CA ALA A 91 3.35 -26.23 1.97
C ALA A 91 3.27 -25.93 0.47
N PHE A 92 2.54 -26.77 -0.25
CA PHE A 92 2.30 -26.57 -1.68
C PHE A 92 1.66 -25.18 -1.90
N LEU A 93 0.62 -24.87 -1.12
CA LEU A 93 -0.04 -23.57 -1.28
C LEU A 93 0.83 -22.37 -0.95
N GLU A 94 1.60 -22.43 0.12
CA GLU A 94 2.23 -21.24 0.62
C GLU A 94 3.66 -21.07 0.19
N TYR A 95 4.27 -22.16 -0.27
CA TYR A 95 5.66 -22.15 -0.66
C TYR A 95 5.91 -22.64 -2.09
N LEU A 96 4.85 -22.99 -2.82
CA LEU A 96 4.96 -23.16 -4.26
C LEU A 96 3.98 -22.22 -4.97
N VAL A 97 2.69 -22.41 -4.72
CA VAL A 97 1.70 -21.60 -5.42
C VAL A 97 1.92 -20.13 -5.14
N ALA A 98 1.98 -19.76 -3.86
CA ALA A 98 2.14 -18.35 -3.48
C ALA A 98 3.39 -17.68 -4.09
N PRO A 99 4.60 -18.28 -3.95
CA PRO A 99 5.68 -17.50 -4.55
C PRO A 99 5.66 -17.56 -6.11
N VAL A 100 5.19 -18.65 -6.71
CA VAL A 100 5.05 -18.69 -8.16
C VAL A 100 4.12 -17.56 -8.62
N SER A 101 3.06 -17.29 -7.85
CA SER A 101 2.00 -16.40 -8.32
C SER A 101 2.51 -14.99 -8.52
N LEU A 102 3.65 -14.68 -7.92
CA LEU A 102 4.29 -13.40 -8.14
C LEU A 102 4.63 -13.16 -9.62
N GLY A 103 4.91 -14.23 -10.35
CA GLY A 103 5.10 -14.19 -11.79
C GLY A 103 4.05 -13.42 -12.58
N ILE A 104 2.84 -13.29 -12.05
CA ILE A 104 1.79 -12.51 -12.73
C ILE A 104 2.18 -11.06 -13.00
N ALA A 105 3.20 -10.55 -12.34
CA ALA A 105 3.68 -9.21 -12.60
C ALA A 105 4.21 -9.10 -14.03
N GLY A 106 4.57 -10.25 -14.59
CA GLY A 106 5.19 -10.37 -15.88
C GLY A 106 4.26 -10.02 -17.02
N LEU A 107 2.97 -10.07 -16.76
CA LEU A 107 1.97 -9.62 -17.73
C LEU A 107 2.01 -8.10 -17.93
N PHE A 108 2.63 -7.39 -16.99
CA PHE A 108 2.73 -5.93 -17.08
C PHE A 108 4.11 -5.49 -17.53
N ARG A 109 4.87 -6.42 -18.09
CA ARG A 109 6.19 -6.12 -18.58
C ARG A 109 6.06 -5.09 -19.74
N GLN A 110 7.02 -4.19 -19.75
CA GLN A 110 7.15 -3.20 -20.79
C GLN A 110 8.38 -3.54 -21.59
N LYS A 111 8.22 -3.75 -22.89
CA LYS A 111 9.37 -4.08 -23.75
C LYS A 111 9.99 -2.83 -24.37
N THR A 112 9.23 -1.75 -24.42
CA THR A 112 9.58 -0.52 -25.11
C THR A 112 9.72 0.70 -24.20
N ALA A 113 10.81 1.44 -24.38
CA ALA A 113 11.03 2.69 -23.67
C ALA A 113 10.13 3.74 -24.31
N PRO A 114 9.81 4.82 -23.57
CA PRO A 114 10.23 5.09 -22.21
C PRO A 114 9.50 4.19 -21.20
N LEU A 115 10.17 3.90 -20.11
CA LEU A 115 9.57 3.12 -19.05
C LEU A 115 8.51 3.98 -18.35
N LYS A 116 7.31 3.44 -18.19
CA LYS A 116 6.25 4.12 -17.49
C LYS A 116 6.20 3.56 -16.07
N LEU A 117 5.88 4.42 -15.11
CA LEU A 117 5.75 3.99 -13.73
C LEU A 117 4.48 3.16 -13.53
N ALA A 118 3.35 3.63 -14.05
CA ALA A 118 2.08 2.98 -13.73
C ALA A 118 2.10 1.44 -13.89
N PRO A 119 2.59 0.94 -15.03
CA PRO A 119 2.52 -0.52 -15.18
C PRO A 119 3.39 -1.24 -14.14
N VAL A 120 4.48 -0.60 -13.70
CA VAL A 120 5.35 -1.24 -12.73
C VAL A 120 4.56 -1.38 -11.44
N LEU A 121 3.81 -0.33 -11.08
CA LEU A 121 3.05 -0.36 -9.87
C LEU A 121 1.87 -1.31 -9.95
N LEU A 122 1.22 -1.32 -11.12
CA LEU A 122 0.06 -2.16 -11.33
C LEU A 122 0.49 -3.64 -11.21
N GLY A 123 1.57 -4.01 -11.87
CA GLY A 123 1.99 -5.42 -11.86
C GLY A 123 2.37 -5.85 -10.45
N THR A 124 3.04 -4.95 -9.74
CA THR A 124 3.48 -5.17 -8.38
C THR A 124 2.28 -5.37 -7.48
N PHE A 125 1.32 -4.45 -7.58
CA PHE A 125 0.10 -4.49 -6.80
C PHE A 125 -0.67 -5.74 -7.07
N VAL A 126 -0.83 -6.08 -8.35
CA VAL A 126 -1.57 -7.28 -8.66
C VAL A 126 -0.85 -8.54 -8.13
N ALA A 127 0.47 -8.61 -8.26
CA ALA A 127 1.23 -9.82 -7.93
C ALA A 127 1.26 -10.02 -6.38
N VAL A 128 1.46 -8.94 -5.64
CA VAL A 128 1.56 -9.03 -4.17
C VAL A 128 0.17 -9.37 -3.63
N LEU A 129 -0.86 -8.73 -4.17
CA LEU A 129 -2.25 -9.09 -3.90
C LEU A 129 -2.57 -10.55 -4.10
N LEU A 130 -2.25 -11.09 -5.27
CA LEU A 130 -2.48 -12.48 -5.56
C LEU A 130 -1.72 -13.38 -4.59
N LYS A 131 -0.46 -13.08 -4.30
CA LYS A 131 0.33 -13.90 -3.39
C LYS A 131 -0.34 -13.88 -2.02
N TYR A 132 -0.74 -12.70 -1.55
CA TYR A 132 -1.33 -12.63 -0.22
C TYR A 132 -2.77 -13.11 -0.18
N PHE A 133 -3.39 -13.17 -1.35
CA PHE A 133 -4.68 -13.86 -1.45
C PHE A 133 -4.55 -15.37 -1.12
N PHE A 134 -3.49 -16.00 -1.64
CA PHE A 134 -3.26 -17.42 -1.32
C PHE A 134 -2.89 -17.59 0.15
N HIS A 135 -2.09 -16.69 0.71
CA HIS A 135 -1.83 -16.78 2.16
C HIS A 135 -3.07 -16.61 2.97
N PHE A 136 -3.93 -15.69 2.54
CA PHE A 136 -5.22 -15.47 3.19
C PHE A 136 -6.06 -16.75 3.24
N ILE A 137 -6.16 -17.43 2.10
CA ILE A 137 -6.85 -18.73 2.04
C ILE A 137 -6.20 -19.70 3.02
N ALA A 138 -4.87 -19.74 2.97
CA ALA A 138 -4.09 -20.65 3.81
C ALA A 138 -4.30 -20.34 5.27
N GLY A 139 -4.59 -19.07 5.55
CA GLY A 139 -4.76 -18.63 6.91
C GLY A 139 -6.06 -19.18 7.45
N ILE A 140 -7.12 -19.11 6.63
CA ILE A 140 -8.39 -19.68 6.97
C ILE A 140 -8.25 -21.20 7.25
N ILE A 141 -7.55 -21.92 6.38
CA ILE A 141 -7.57 -23.38 6.47
C ILE A 141 -6.64 -23.92 7.53
N PHE A 142 -5.45 -23.34 7.67
CA PHE A 142 -4.37 -23.97 8.41
C PHE A 142 -3.87 -23.22 9.65
N TRP A 143 -4.20 -21.93 9.78
CA TRP A 143 -3.63 -21.15 10.88
C TRP A 143 -4.67 -20.60 11.82
N SER A 144 -5.92 -21.07 11.73
CA SER A 144 -6.98 -20.50 12.57
C SER A 144 -6.79 -20.75 14.09
N GLN A 145 -5.97 -21.74 14.45
CA GLN A 145 -5.66 -22.00 15.84
C GLN A 145 -5.01 -20.81 16.52
N TYR A 146 -4.35 -19.96 15.72
CA TYR A 146 -3.63 -18.81 16.24
C TYR A 146 -4.47 -17.54 16.27
N ALA A 147 -5.73 -17.61 15.84
CA ALA A 147 -6.60 -16.45 15.81
C ALA A 147 -6.70 -15.76 17.15
N TRP A 148 -6.29 -14.49 17.17
CA TRP A 148 -6.39 -13.66 18.37
C TRP A 148 -7.75 -13.86 19.04
N LYS A 149 -7.77 -13.80 20.37
CA LYS A 149 -9.00 -14.11 21.11
C LYS A 149 -10.19 -13.26 20.63
N GLY A 150 -11.28 -13.91 20.25
CA GLY A 150 -12.48 -13.21 19.80
C GLY A 150 -12.60 -13.02 18.30
N TRP A 151 -11.52 -13.34 17.57
CA TRP A 151 -11.54 -13.29 16.11
C TRP A 151 -11.85 -14.66 15.53
N GLY A 152 -12.76 -14.69 14.57
CA GLY A 152 -12.98 -15.90 13.78
C GLY A 152 -11.92 -16.03 12.70
N ALA A 153 -11.95 -17.15 12.00
CA ALA A 153 -10.84 -17.59 11.18
C ALA A 153 -10.64 -16.66 9.99
N VAL A 154 -11.74 -16.26 9.36
CA VAL A 154 -11.70 -15.40 8.18
C VAL A 154 -11.22 -14.00 8.54
N ALA A 155 -11.70 -13.49 9.68
CA ALA A 155 -11.35 -12.15 10.16
C ALA A 155 -9.89 -12.08 10.51
N TYR A 156 -9.40 -13.07 11.25
CA TYR A 156 -7.99 -13.14 11.58
C TYR A 156 -7.11 -13.19 10.31
N SER A 157 -7.45 -14.09 9.39
CA SER A 157 -6.62 -14.25 8.20
C SER A 157 -6.62 -12.98 7.36
N LEU A 158 -7.78 -12.34 7.21
CA LEU A 158 -7.83 -11.08 6.47
C LEU A 158 -6.95 -10.00 7.10
N ALA A 159 -7.08 -9.83 8.40
CA ALA A 159 -6.27 -8.83 9.08
C ALA A 159 -4.79 -9.16 8.87
N VAL A 160 -4.42 -10.39 9.19
CA VAL A 160 -3.02 -10.77 9.16
C VAL A 160 -2.48 -10.63 7.74
N ASN A 161 -3.12 -11.27 6.78
CA ASN A 161 -2.55 -11.39 5.46
C ASN A 161 -2.81 -10.13 4.63
N GLY A 162 -3.94 -9.50 4.90
CA GLY A 162 -4.31 -8.21 4.36
C GLY A 162 -3.26 -7.20 4.73
N ILE A 163 -2.96 -7.09 6.04
CA ILE A 163 -2.00 -6.11 6.48
C ILE A 163 -0.62 -6.47 5.89
N SER A 164 -0.19 -7.73 5.96
CA SER A 164 1.11 -8.13 5.36
C SER A 164 1.20 -7.82 3.87
N GLY A 165 0.12 -8.09 3.16
CA GLY A 165 0.07 -7.81 1.74
C GLY A 165 0.24 -6.33 1.45
N ILE A 166 -0.54 -5.48 2.13
CA ILE A 166 -0.35 -4.04 1.98
C ILE A 166 1.06 -3.58 2.31
N LEU A 167 1.60 -3.97 3.48
CA LEU A 167 2.96 -3.53 3.88
C LEU A 167 3.98 -4.01 2.86
N THR A 168 3.78 -5.22 2.36
CA THR A 168 4.68 -5.81 1.40
C THR A 168 4.61 -4.99 0.09
N ALA A 169 3.40 -4.61 -0.30
CA ALA A 169 3.23 -3.76 -1.47
C ALA A 169 3.88 -2.39 -1.25
N ILE A 170 3.77 -1.87 -0.04
CA ILE A 170 4.45 -0.64 0.27
C ILE A 170 5.95 -0.73 0.03
N ALA A 171 6.61 -1.76 0.57
CA ALA A 171 8.07 -1.83 0.47
C ALA A 171 8.51 -2.05 -0.98
N ALA A 172 7.73 -2.87 -1.68
CA ALA A 172 7.99 -3.15 -3.09
C ALA A 172 7.85 -1.84 -3.84
N PHE A 173 6.81 -1.08 -3.52
CA PHE A 173 6.60 0.19 -4.20
C PHE A 173 7.77 1.11 -4.01
N VAL A 174 8.20 1.27 -2.75
CA VAL A 174 9.34 2.13 -2.46
C VAL A 174 10.57 1.74 -3.22
N ILE A 175 10.94 0.47 -3.19
CA ILE A 175 12.16 0.07 -3.80
C ILE A 175 12.03 0.18 -5.31
N LEU A 176 10.93 -0.31 -5.83
CA LEU A 176 10.78 -0.31 -7.27
C LEU A 176 10.61 1.10 -7.84
N ILE A 177 10.03 2.01 -7.05
CA ILE A 177 9.96 3.41 -7.48
C ILE A 177 11.37 3.98 -7.54
N ILE A 178 12.23 3.68 -6.56
CA ILE A 178 13.60 4.17 -6.65
C ILE A 178 14.26 3.60 -7.91
N PHE A 179 14.01 2.34 -8.23
CA PHE A 179 14.67 1.72 -9.37
C PHE A 179 14.18 2.36 -10.68
N VAL A 180 12.88 2.62 -10.77
CA VAL A 180 12.30 3.26 -11.96
C VAL A 180 12.92 4.65 -12.24
N LYS A 181 13.12 5.44 -11.20
CA LYS A 181 13.72 6.76 -11.35
C LYS A 181 15.22 6.64 -11.60
N LYS A 182 15.86 5.73 -10.88
CA LYS A 182 17.32 5.65 -10.92
C LYS A 182 17.83 4.74 -12.05
N PHE A 183 17.15 3.61 -12.24
CA PHE A 183 17.69 2.53 -13.06
C PHE A 183 16.63 1.90 -13.94
N PRO A 184 15.92 2.74 -14.72
CA PRO A 184 14.73 2.32 -15.49
C PRO A 184 15.04 1.15 -16.39
N LYS A 185 16.31 1.00 -16.74
CA LYS A 185 16.76 -0.05 -17.63
C LYS A 185 16.72 -1.44 -17.04
N LEU A 186 16.69 -1.51 -15.70
CA LEU A 186 16.48 -2.78 -15.01
C LEU A 186 15.20 -3.44 -15.50
N PHE A 187 14.25 -2.61 -15.93
CA PHE A 187 12.93 -3.11 -16.26
C PHE A 187 12.75 -3.47 -17.76
N ILE A 188 13.70 -3.09 -18.60
CA ILE A 188 13.56 -3.26 -20.05
C ILE A 188 14.64 -4.21 -20.47
N HIS A 189 14.28 -5.37 -20.98
CA HIS A 189 15.32 -6.31 -21.41
C HIS A 189 15.69 -5.97 -22.82
N SER A 190 16.99 -6.09 -23.08
CA SER A 190 17.50 -6.10 -24.43
C SER A 190 18.65 -7.05 -24.56
N ASN A 191 18.66 -7.76 -25.67
CA ASN A 191 19.87 -8.37 -26.16
C ASN A 191 20.62 -7.25 -26.85
N TYR A 192 21.92 -7.43 -27.05
CA TYR A 192 22.87 -6.38 -27.46
C TYR A 192 23.53 -5.77 -26.22
N PHE B 16 -7.61 24.36 25.12
CA PHE B 16 -8.12 25.73 24.99
C PHE B 16 -8.80 25.98 23.65
N ASN B 17 -9.96 26.63 23.76
CA ASN B 17 -10.91 26.74 22.67
C ASN B 17 -10.41 27.39 21.38
N VAL B 18 -9.83 28.59 21.47
CA VAL B 18 -9.49 29.34 20.27
C VAL B 18 -8.30 28.72 19.57
N ARG B 19 -7.34 28.25 20.37
CA ARG B 19 -6.15 27.60 19.84
C ARG B 19 -6.52 26.38 19.00
N LEU B 20 -7.32 25.48 19.56
CA LEU B 20 -7.80 24.31 18.85
C LEU B 20 -8.54 24.68 17.55
N LEU B 21 -9.48 25.60 17.65
CA LEU B 21 -10.26 26.03 16.48
C LEU B 21 -9.39 26.54 15.36
N THR B 22 -8.36 27.31 15.71
CA THR B 22 -7.44 27.86 14.73
C THR B 22 -6.55 26.79 14.12
N GLU B 23 -6.20 25.77 14.92
CA GLU B 23 -5.41 24.65 14.41
C GLU B 23 -6.24 23.85 13.39
N ILE B 24 -7.47 23.57 13.73
CA ILE B 24 -8.33 22.82 12.83
C ILE B 24 -8.43 23.61 11.53
N ALA B 25 -8.74 24.90 11.65
CA ALA B 25 -8.92 25.77 10.50
C ALA B 25 -7.69 25.80 9.60
N PHE B 26 -6.52 26.06 10.18
CA PHE B 26 -5.29 26.16 9.38
C PHE B 26 -4.89 24.89 8.68
N MET B 27 -5.15 23.75 9.31
CA MET B 27 -4.77 22.47 8.75
C MET B 27 -5.72 22.11 7.62
N ALA B 28 -6.98 22.49 7.74
CA ALA B 28 -7.93 22.31 6.65
C ALA B 28 -7.60 23.22 5.47
N ALA B 29 -7.35 24.50 5.75
CA ALA B 29 -6.92 25.42 4.72
C ALA B 29 -5.66 24.89 4.04
N LEU B 30 -4.70 24.40 4.83
CA LEU B 30 -3.43 23.89 4.29
C LEU B 30 -3.60 22.61 3.43
N ALA B 31 -4.54 21.76 3.82
CA ALA B 31 -4.82 20.57 3.07
C ALA B 31 -5.29 21.03 1.69
N PHE B 32 -6.14 22.07 1.69
CA PHE B 32 -6.68 22.57 0.44
C PHE B 32 -5.59 23.14 -0.46
N ILE B 33 -4.78 24.05 0.08
CA ILE B 33 -3.67 24.60 -0.68
C ILE B 33 -2.77 23.48 -1.21
N ILE B 34 -2.49 22.48 -0.40
CA ILE B 34 -1.61 21.40 -0.87
C ILE B 34 -2.25 20.61 -2.01
N SER B 35 -3.58 20.51 -2.01
CA SER B 35 -4.28 19.76 -3.04
C SER B 35 -4.24 20.44 -4.43
N LEU B 36 -3.87 21.72 -4.47
CA LEU B 36 -3.65 22.41 -5.75
C LEU B 36 -2.36 21.94 -6.44
N ILE B 37 -1.50 21.24 -5.73
CA ILE B 37 -0.25 20.78 -6.35
C ILE B 37 -0.54 19.56 -7.25
N PRO B 38 0.07 19.53 -8.45
CA PRO B 38 -0.17 18.37 -9.32
C PRO B 38 0.20 17.06 -8.64
N ASN B 39 -0.63 16.02 -8.75
CA ASN B 39 -0.40 14.83 -7.95
C ASN B 39 -0.77 13.51 -8.64
N THR B 40 -0.92 13.59 -9.96
CA THR B 40 -1.37 12.47 -10.78
C THR B 40 -0.20 11.64 -11.33
N VAL B 41 -0.14 10.36 -10.99
CA VAL B 41 0.78 9.45 -11.67
C VAL B 41 0.18 9.01 -13.02
N TYR B 42 -1.01 8.44 -12.97
CA TYR B 42 -1.68 7.97 -14.19
C TYR B 42 -3.18 7.98 -13.99
N GLY B 43 -3.91 8.79 -14.74
CA GLY B 43 -5.36 8.82 -14.60
C GLY B 43 -5.77 9.17 -13.18
N TRP B 44 -6.64 8.37 -12.58
CA TRP B 44 -6.97 8.57 -11.15
C TRP B 44 -6.04 7.87 -10.17
N ILE B 45 -4.91 7.39 -10.65
CA ILE B 45 -3.82 6.98 -9.77
C ILE B 45 -3.04 8.22 -9.33
N ILE B 46 -3.23 8.60 -8.06
CA ILE B 46 -2.70 9.85 -7.52
C ILE B 46 -1.89 9.68 -6.23
N VAL B 47 -1.19 10.72 -5.84
CA VAL B 47 -0.45 10.75 -4.60
C VAL B 47 -1.04 11.87 -3.74
N GLU B 48 -1.97 11.54 -2.84
CA GLU B 48 -2.77 12.58 -2.21
C GLU B 48 -2.13 13.12 -0.94
N ILE B 49 -1.08 13.89 -1.17
CA ILE B 49 -0.34 14.54 -0.12
C ILE B 49 -1.18 15.55 0.68
N ALA B 50 -2.29 16.03 0.13
CA ALA B 50 -3.17 16.94 0.89
C ALA B 50 -3.75 16.28 2.13
N CYS B 51 -3.63 14.96 2.25
CA CYS B 51 -4.17 14.26 3.42
C CYS B 51 -3.31 14.59 4.62
N ILE B 52 -2.10 15.04 4.34
CA ILE B 52 -1.10 15.08 5.40
C ILE B 52 -1.45 16.08 6.53
N PRO B 53 -1.80 17.32 6.17
CA PRO B 53 -2.16 18.22 7.27
C PRO B 53 -3.33 17.68 8.14
N ILE B 54 -4.23 16.89 7.60
CA ILE B 54 -5.36 16.37 8.37
C ILE B 54 -4.91 15.21 9.26
N LEU B 55 -4.01 14.41 8.74
CA LEU B 55 -3.43 13.34 9.55
C LEU B 55 -2.66 13.94 10.73
N LEU B 56 -1.80 14.91 10.44
CA LEU B 56 -1.07 15.59 11.52
C LEU B 56 -2.01 16.20 12.58
N LEU B 57 -3.08 16.85 12.13
CA LEU B 57 -4.05 17.48 13.02
C LEU B 57 -4.69 16.41 13.89
N SER B 58 -5.01 15.29 13.28
CA SER B 58 -5.67 14.20 13.98
C SER B 58 -4.78 13.59 15.03
N LEU B 59 -3.51 13.41 14.68
CA LEU B 59 -2.57 12.73 15.55
C LEU B 59 -2.30 13.60 16.76
N ARG B 60 -2.29 14.91 16.53
CA ARG B 60 -1.99 15.93 17.55
C ARG B 60 -3.17 16.20 18.48
N ARG B 61 -4.39 16.26 17.96
CA ARG B 61 -5.52 16.75 18.77
C ARG B 61 -6.62 15.72 18.96
N GLY B 62 -6.52 14.60 18.26
CA GLY B 62 -7.43 13.50 18.49
C GLY B 62 -8.55 13.42 17.50
N LEU B 63 -9.40 12.43 17.72
CA LEU B 63 -10.40 12.00 16.73
C LEU B 63 -11.30 13.14 16.25
N THR B 64 -12.00 13.76 17.20
CA THR B 64 -13.01 14.74 16.90
C THR B 64 -12.39 15.89 16.08
N ALA B 65 -11.27 16.43 16.55
CA ALA B 65 -10.60 17.49 15.82
C ALA B 65 -10.27 17.08 14.38
N GLY B 66 -9.84 15.84 14.21
CA GLY B 66 -9.43 15.35 12.91
C GLY B 66 -10.64 15.21 12.00
N LEU B 67 -11.75 14.76 12.57
CA LEU B 67 -12.96 14.56 11.78
C LEU B 67 -13.44 15.90 11.23
N VAL B 68 -13.28 16.94 12.04
CA VAL B 68 -13.83 18.23 11.70
C VAL B 68 -12.90 18.87 10.71
N GLY B 69 -11.60 18.64 10.88
CA GLY B 69 -10.62 19.12 9.93
C GLY B 69 -10.89 18.53 8.55
N GLY B 70 -11.18 17.24 8.51
CA GLY B 70 -11.43 16.56 7.26
C GLY B 70 -12.71 17.12 6.64
N LEU B 71 -13.69 17.36 7.49
CA LEU B 71 -14.97 17.85 7.03
C LEU B 71 -14.77 19.18 6.33
N ILE B 72 -14.00 20.05 6.95
CA ILE B 72 -13.80 21.39 6.41
C ILE B 72 -13.05 21.33 5.07
N TRP B 73 -12.05 20.46 5.01
CA TRP B 73 -11.26 20.31 3.82
C TRP B 73 -12.18 19.88 2.69
N GLY B 74 -13.03 18.90 2.95
CA GLY B 74 -13.99 18.43 1.96
C GLY B 74 -14.86 19.55 1.44
N ILE B 75 -15.42 20.35 2.34
CA ILE B 75 -16.30 21.42 1.95
C ILE B 75 -15.52 22.44 1.13
N LEU B 76 -14.32 22.81 1.57
CA LEU B 76 -13.50 23.75 0.83
C LEU B 76 -13.30 23.29 -0.61
N SER B 77 -12.96 22.02 -0.79
CA SER B 77 -12.70 21.49 -2.10
C SER B 77 -13.91 21.62 -2.99
N MET B 78 -15.09 21.34 -2.41
CA MET B 78 -16.33 21.45 -3.19
C MET B 78 -16.72 22.88 -3.51
N ILE B 79 -16.63 23.81 -2.56
CA ILE B 79 -17.16 25.15 -2.82
C ILE B 79 -16.21 26.02 -3.63
N THR B 80 -14.97 25.57 -3.83
CA THR B 80 -14.04 26.34 -4.63
C THR B 80 -13.98 25.83 -6.06
N GLY B 81 -14.77 24.79 -6.38
CA GLY B 81 -14.81 24.21 -7.71
C GLY B 81 -13.84 23.06 -7.98
N HIS B 82 -13.01 22.68 -7.01
CA HIS B 82 -11.90 21.73 -7.24
C HIS B 82 -12.29 20.26 -7.10
N ALA B 83 -13.45 20.00 -6.52
CA ALA B 83 -13.95 18.64 -6.39
C ALA B 83 -14.46 18.07 -7.74
N TYR B 84 -14.27 16.78 -7.97
CA TYR B 84 -14.83 16.11 -9.14
C TYR B 84 -16.10 15.41 -8.73
N ILE B 85 -17.23 15.99 -9.13
CA ILE B 85 -18.52 15.58 -8.60
C ILE B 85 -19.35 15.02 -9.72
N LEU B 86 -19.84 13.81 -9.50
CA LEU B 86 -20.63 13.11 -10.50
C LEU B 86 -22.08 13.08 -10.05
N SER B 87 -22.31 13.18 -8.76
CA SER B 87 -23.66 13.15 -8.19
C SER B 87 -23.61 13.54 -6.72
N LEU B 88 -24.78 13.79 -6.15
CA LEU B 88 -24.88 14.15 -4.72
C LEU B 88 -24.31 13.05 -3.83
N SER B 89 -24.69 11.80 -4.11
CA SER B 89 -24.20 10.63 -3.36
C SER B 89 -22.69 10.47 -3.44
N GLN B 90 -22.17 10.64 -4.65
CA GLN B 90 -20.77 10.46 -4.91
C GLN B 90 -19.97 11.58 -4.20
N ALA B 91 -20.45 12.81 -4.32
CA ALA B 91 -19.88 13.94 -3.62
C ALA B 91 -19.80 13.67 -2.12
N PHE B 92 -20.94 13.27 -1.55
CA PHE B 92 -21.03 12.96 -0.14
C PHE B 92 -20.02 11.90 0.26
N LEU B 93 -19.94 10.83 -0.52
CA LEU B 93 -18.97 9.77 -0.21
C LEU B 93 -17.52 10.24 -0.34
N GLU B 94 -17.21 10.99 -1.40
CA GLU B 94 -15.81 11.26 -1.74
C GLU B 94 -15.23 12.55 -1.22
N TYR B 95 -16.09 13.51 -0.92
CA TYR B 95 -15.64 14.76 -0.35
C TYR B 95 -16.27 15.10 0.99
N LEU B 96 -17.04 14.17 1.57
CA LEU B 96 -17.45 14.36 2.96
C LEU B 96 -16.97 13.14 3.76
N VAL B 97 -17.57 11.99 3.54
CA VAL B 97 -17.15 10.80 4.28
C VAL B 97 -15.65 10.51 4.18
N ALA B 98 -15.06 10.63 3.00
CA ALA B 98 -13.69 10.20 2.80
C ALA B 98 -12.70 11.12 3.50
N PRO B 99 -12.80 12.43 3.30
CA PRO B 99 -11.79 13.24 3.98
C PRO B 99 -12.02 13.24 5.51
N VAL B 100 -13.27 13.07 5.93
CA VAL B 100 -13.58 13.00 7.33
C VAL B 100 -12.92 11.76 7.97
N SER B 101 -12.96 10.65 7.25
CA SER B 101 -12.56 9.39 7.83
C SER B 101 -11.05 9.35 8.18
N LEU B 102 -10.31 10.30 7.62
CA LEU B 102 -8.93 10.48 8.00
C LEU B 102 -8.75 10.79 9.51
N GLY B 103 -9.79 11.31 10.14
CA GLY B 103 -9.77 11.59 11.56
C GLY B 103 -9.50 10.36 12.45
N ILE B 104 -9.68 9.18 11.90
CA ILE B 104 -9.48 7.97 12.65
C ILE B 104 -8.03 7.88 13.15
N ALA B 105 -7.14 8.61 12.47
CA ALA B 105 -5.76 8.71 12.89
C ALA B 105 -5.70 9.18 14.37
N GLY B 106 -6.69 9.96 14.80
CA GLY B 106 -6.75 10.52 16.12
C GLY B 106 -6.79 9.48 17.23
N LEU B 107 -7.35 8.31 16.94
CA LEU B 107 -7.32 7.21 17.91
C LEU B 107 -5.88 6.89 18.39
N PHE B 108 -4.89 7.26 17.57
CA PHE B 108 -3.49 6.98 17.86
C PHE B 108 -2.75 8.21 18.35
N ARG B 109 -3.51 9.19 18.80
CA ARG B 109 -2.91 10.35 19.42
C ARG B 109 -2.09 9.94 20.65
N GLN B 110 -0.87 10.45 20.75
CA GLN B 110 -0.08 10.32 21.94
C GLN B 110 -0.19 11.59 22.80
N LYS B 111 -0.58 11.43 24.03
CA LYS B 111 -0.78 12.58 24.92
C LYS B 111 0.44 12.84 25.79
N THR B 112 1.43 11.97 25.71
CA THR B 112 2.43 11.87 26.76
C THR B 112 3.76 11.46 26.16
N ALA B 113 4.81 12.03 26.74
CA ALA B 113 6.17 11.73 26.34
C ALA B 113 6.52 10.32 26.78
N PRO B 114 7.44 9.67 26.08
CA PRO B 114 8.11 10.18 24.88
C PRO B 114 7.27 9.88 23.63
N LEU B 115 7.39 10.76 22.65
CA LEU B 115 6.75 10.54 21.38
C LEU B 115 7.38 9.32 20.72
N LYS B 116 6.56 8.34 20.38
CA LYS B 116 7.03 7.21 19.61
C LYS B 116 6.58 7.36 18.16
N LEU B 117 7.39 6.82 17.26
CA LEU B 117 7.10 6.78 15.83
C LEU B 117 5.98 5.79 15.46
N ALA B 118 5.87 4.65 16.11
CA ALA B 118 4.97 3.60 15.64
C ALA B 118 3.49 4.05 15.60
N PRO B 119 3.00 4.72 16.67
CA PRO B 119 1.60 5.16 16.57
C PRO B 119 1.37 6.12 15.41
N VAL B 120 2.35 6.94 15.09
CA VAL B 120 2.21 7.89 13.99
C VAL B 120 1.96 7.12 12.71
N LEU B 121 2.74 6.06 12.50
CA LEU B 121 2.66 5.27 11.29
C LEU B 121 1.39 4.41 11.24
N LEU B 122 1.04 3.81 12.38
CA LEU B 122 -0.19 3.02 12.49
C LEU B 122 -1.42 3.85 12.16
N GLY B 123 -1.57 5.00 12.82
CA GLY B 123 -2.70 5.87 12.55
C GLY B 123 -2.71 6.33 11.10
N THR B 124 -1.54 6.64 10.57
CA THR B 124 -1.43 7.04 9.16
C THR B 124 -1.93 5.91 8.29
N PHE B 125 -1.46 4.72 8.58
CA PHE B 125 -1.78 3.52 7.81
C PHE B 125 -3.27 3.28 7.76
N VAL B 126 -3.89 3.31 8.93
CA VAL B 126 -5.31 3.01 9.10
C VAL B 126 -6.15 4.10 8.45
N ALA B 127 -5.72 5.34 8.62
CA ALA B 127 -6.46 6.50 8.14
C ALA B 127 -6.46 6.59 6.62
N VAL B 128 -5.29 6.52 6.00
CA VAL B 128 -5.22 6.61 4.53
C VAL B 128 -5.99 5.45 3.88
N LEU B 129 -5.80 4.26 4.45
N LEU B 129 -5.86 4.26 4.46
CA LEU B 129 -6.49 3.03 4.03
CA LEU B 129 -6.50 3.09 3.88
C LEU B 129 -7.99 3.16 4.09
C LEU B 129 -8.00 3.06 4.13
N LEU B 130 -8.48 3.72 5.19
CA LEU B 130 -9.92 3.90 5.37
C LEU B 130 -10.39 4.91 4.33
N LYS B 131 -9.63 5.98 4.14
CA LYS B 131 -9.99 6.97 3.14
C LYS B 131 -10.10 6.26 1.76
N TYR B 132 -9.06 5.57 1.36
CA TYR B 132 -9.06 4.93 0.09
C TYR B 132 -10.00 3.73 -0.01
N PHE B 133 -10.46 3.22 1.12
CA PHE B 133 -11.52 2.23 1.06
C PHE B 133 -12.78 2.91 0.54
N PHE B 134 -13.08 4.10 1.06
CA PHE B 134 -14.26 4.82 0.58
C PHE B 134 -14.15 5.22 -0.90
N HIS B 135 -12.97 5.64 -1.35
CA HIS B 135 -12.78 5.84 -2.78
C HIS B 135 -12.92 4.56 -3.59
N PHE B 136 -12.53 3.42 -3.03
CA PHE B 136 -12.70 2.14 -3.69
C PHE B 136 -14.18 1.86 -3.90
N ILE B 137 -14.97 2.02 -2.84
CA ILE B 137 -16.43 1.85 -2.96
C ILE B 137 -17.01 2.81 -4.01
N ALA B 138 -16.61 4.07 -3.98
CA ALA B 138 -17.08 5.03 -5.00
C ALA B 138 -16.62 4.63 -6.41
N GLY B 139 -15.45 4.03 -6.52
CA GLY B 139 -14.94 3.68 -7.83
C GLY B 139 -15.85 2.65 -8.47
N ILE B 140 -16.29 1.69 -7.66
CA ILE B 140 -17.23 0.67 -8.13
C ILE B 140 -18.54 1.29 -8.57
N ILE B 141 -19.08 2.18 -7.76
CA ILE B 141 -20.40 2.70 -8.03
C ILE B 141 -20.40 3.69 -9.20
N PHE B 142 -19.42 4.58 -9.29
CA PHE B 142 -19.59 5.81 -10.05
C PHE B 142 -18.56 6.02 -11.15
N TRP B 143 -17.50 5.22 -11.18
CA TRP B 143 -16.38 5.49 -12.07
C TRP B 143 -16.11 4.33 -13.04
N SER B 144 -17.00 3.34 -13.09
CA SER B 144 -16.71 2.13 -13.87
C SER B 144 -16.70 2.38 -15.37
N GLN B 145 -17.22 3.54 -15.82
CA GLN B 145 -17.21 3.94 -17.24
C GLN B 145 -15.80 3.99 -17.77
N TYR B 146 -14.85 4.27 -16.87
CA TYR B 146 -13.46 4.46 -17.28
C TYR B 146 -12.57 3.24 -17.11
N ALA B 147 -13.15 2.10 -16.72
CA ALA B 147 -12.33 0.94 -16.39
C ALA B 147 -11.54 0.47 -17.60
N TRP B 148 -10.28 0.12 -17.37
CA TRP B 148 -9.43 -0.33 -18.45
C TRP B 148 -10.02 -1.53 -19.20
N LYS B 149 -9.61 -1.63 -20.46
CA LYS B 149 -9.94 -2.75 -21.31
C LYS B 149 -9.92 -4.07 -20.57
N GLY B 150 -11.07 -4.72 -20.50
CA GLY B 150 -11.15 -6.05 -19.94
C GLY B 150 -11.25 -6.11 -18.43
N TRP B 151 -11.30 -4.95 -17.78
CA TRP B 151 -11.39 -4.89 -16.30
C TRP B 151 -12.80 -4.60 -15.86
N GLY B 152 -13.31 -5.43 -14.96
CA GLY B 152 -14.63 -5.19 -14.41
C GLY B 152 -14.52 -4.06 -13.40
N ALA B 153 -15.65 -3.67 -12.84
CA ALA B 153 -15.74 -2.48 -12.00
C ALA B 153 -14.98 -2.63 -10.68
N VAL B 154 -15.14 -3.79 -10.04
CA VAL B 154 -14.46 -4.08 -8.77
C VAL B 154 -12.97 -4.06 -8.95
N ALA B 155 -12.46 -4.72 -9.98
CA ALA B 155 -11.02 -4.82 -10.22
C ALA B 155 -10.35 -3.51 -10.60
N TYR B 156 -10.96 -2.79 -11.53
CA TYR B 156 -10.45 -1.47 -11.90
C TYR B 156 -10.37 -0.56 -10.67
N SER B 157 -11.42 -0.53 -9.87
CA SER B 157 -11.45 0.40 -8.72
C SER B 157 -10.41 -0.02 -7.69
N LEU B 158 -10.26 -1.32 -7.48
CA LEU B 158 -9.29 -1.83 -6.51
C LEU B 158 -7.90 -1.45 -6.93
N ALA B 159 -7.65 -1.54 -8.22
CA ALA B 159 -6.33 -1.26 -8.70
C ALA B 159 -6.07 0.25 -8.53
N VAL B 160 -6.98 1.08 -9.02
CA VAL B 160 -6.74 2.54 -9.02
C VAL B 160 -6.64 3.09 -7.59
N ASN B 161 -7.60 2.72 -6.77
CA ASN B 161 -7.69 3.30 -5.44
C ASN B 161 -6.73 2.61 -4.47
N GLY B 162 -6.42 1.35 -4.77
CA GLY B 162 -5.48 0.58 -3.98
C GLY B 162 -4.11 1.16 -4.21
N ILE B 163 -3.74 1.34 -5.47
CA ILE B 163 -2.43 1.92 -5.82
C ILE B 163 -2.33 3.37 -5.28
N SER B 164 -3.37 4.18 -5.49
CA SER B 164 -3.39 5.53 -4.92
C SER B 164 -3.23 5.53 -3.39
N GLY B 165 -4.02 4.69 -2.72
CA GLY B 165 -3.92 4.58 -1.27
C GLY B 165 -2.53 4.24 -0.79
N ILE B 166 -1.87 3.30 -1.49
CA ILE B 166 -0.53 2.89 -1.11
C ILE B 166 0.50 4.02 -1.31
N LEU B 167 0.43 4.71 -2.44
CA LEU B 167 1.30 5.83 -2.67
C LEU B 167 1.08 6.97 -1.68
N THR B 168 -0.17 7.22 -1.37
CA THR B 168 -0.56 8.31 -0.46
C THR B 168 -0.03 7.95 0.92
N ALA B 169 -0.15 6.68 1.27
CA ALA B 169 0.46 6.24 2.55
C ALA B 169 1.98 6.43 2.54
N ILE B 170 2.64 6.05 1.44
CA ILE B 170 4.08 6.26 1.33
C ILE B 170 4.45 7.73 1.56
N ALA B 171 3.78 8.62 0.84
CA ALA B 171 4.09 10.03 0.95
C ALA B 171 3.88 10.49 2.37
N ALA B 172 2.80 10.03 2.99
CA ALA B 172 2.50 10.50 4.35
C ALA B 172 3.52 9.95 5.31
N PHE B 173 3.94 8.70 5.11
CA PHE B 173 5.01 8.14 5.95
C PHE B 173 6.29 8.93 5.85
N VAL B 174 6.79 9.19 4.63
CA VAL B 174 8.03 9.94 4.52
C VAL B 174 7.94 11.26 5.23
N ILE B 175 6.90 12.03 4.94
CA ILE B 175 6.78 13.38 5.48
C ILE B 175 6.65 13.32 6.97
N LEU B 176 5.76 12.47 7.46
CA LEU B 176 5.52 12.41 8.87
C LEU B 176 6.73 11.87 9.63
N ILE B 177 7.50 10.95 9.04
CA ILE B 177 8.74 10.49 9.69
C ILE B 177 9.72 11.64 9.81
N ILE B 178 9.79 12.46 8.77
CA ILE B 178 10.65 13.65 8.80
C ILE B 178 10.21 14.56 9.96
N PHE B 179 8.92 14.83 10.04
CA PHE B 179 8.41 15.71 11.10
C PHE B 179 8.63 15.15 12.50
N VAL B 180 8.56 13.84 12.65
CA VAL B 180 8.75 13.20 13.93
C VAL B 180 10.19 13.45 14.38
N LYS B 181 11.13 13.37 13.44
CA LYS B 181 12.53 13.62 13.73
C LYS B 181 12.82 15.10 14.02
N LYS B 182 12.46 15.96 13.08
CA LYS B 182 12.74 17.39 13.18
C LYS B 182 11.87 18.11 14.21
N PHE B 183 10.56 18.01 14.06
CA PHE B 183 9.61 18.79 14.88
C PHE B 183 8.71 17.90 15.74
N PRO B 184 9.30 17.06 16.60
CA PRO B 184 8.52 16.09 17.37
C PRO B 184 7.47 16.74 18.29
N LYS B 185 7.63 18.01 18.62
CA LYS B 185 6.68 18.70 19.49
C LYS B 185 5.34 18.86 18.81
N LEU B 186 5.32 18.82 17.48
CA LEU B 186 4.07 18.95 16.72
C LEU B 186 3.06 17.87 17.08
N PHE B 187 3.55 16.71 17.48
CA PHE B 187 2.67 15.56 17.69
C PHE B 187 2.07 15.50 19.10
N ILE B 188 2.64 16.27 20.03
CA ILE B 188 2.14 16.28 21.40
C ILE B 188 1.76 17.71 21.81
N HIS B 189 0.47 17.88 22.03
CA HIS B 189 -0.09 19.15 22.45
C HIS B 189 0.11 19.32 23.95
N SER B 190 0.56 20.50 24.35
CA SER B 190 0.54 20.89 25.74
C SER B 190 -0.07 22.27 25.89
N ASN B 191 -0.70 22.50 27.04
CA ASN B 191 -1.39 23.75 27.29
C ASN B 191 -0.42 24.83 27.70
N TYR B 192 0.69 24.39 28.28
CA TYR B 192 1.70 25.31 28.73
C TYR B 192 2.53 25.71 27.51
CM2 218 C . -3.08 -16.18 9.68
C2A 218 C . -1.81 -16.73 8.99
N1A 218 C . -0.70 -16.94 9.70
C6A 218 C . 0.42 -17.41 9.08
C5A 218 C . 0.37 -17.70 7.71
C7A 218 C . 1.65 -18.25 7.03
N3 218 C . 2.24 -17.33 6.09
C2 218 C . 1.73 -16.07 5.98
C1 218 C . 2.29 -15.15 5.06
C6 218 C . 3.37 -15.53 4.23
C5 218 C . 3.86 -16.87 4.40
CM6 218 C . 5.04 -17.39 3.53
CM7 218 C . 6.40 -17.00 4.17
OM7 218 C . 6.53 -15.56 4.22
C4 218 C . 3.24 -17.75 5.34
CM4 218 C . 3.76 -19.22 5.52
C4A 218 C . -0.86 -17.46 7.03
N4A 218 C . -1.03 -17.71 5.61
N3A 218 C . -1.92 -16.98 7.70
C1 BNG D . 19.73 -24.28 -8.67
C2 BNG D . 19.25 -22.84 -8.80
C3 BNG D . 20.17 -21.81 -8.20
C4 BNG D . 20.52 -22.32 -6.83
C5 BNG D . 21.25 -23.64 -7.04
C6 BNG D . 21.79 -24.12 -5.74
C1' BNG D . 17.77 -24.80 -7.47
C2' BNG D . 16.60 -25.80 -7.36
C3' BNG D . 17.20 -27.25 -7.06
C4' BNG D . 16.90 -28.18 -8.26
C5' BNG D . 16.58 -29.61 -7.72
C6' BNG D . 17.61 -29.98 -6.63
C7' BNG D . 17.04 -29.72 -5.21
C8' BNG D . 15.98 -30.76 -4.89
C9' BNG D . 16.38 -31.51 -3.64
O1 BNG D . 18.53 -25.05 -8.68
O2 BNG D . 18.96 -22.52 -10.12
O3 BNG D . 19.45 -20.60 -8.06
O4 BNG D . 21.32 -21.39 -6.15
O5 BNG D . 20.30 -24.58 -7.45
O6 BNG D . 20.81 -24.96 -5.16
C1 PEG E . -2.63 -1.74 -18.26
O1 PEG E . -2.68 -3.10 -18.17
C2 PEG E . -3.60 -1.14 -17.28
O2 PEG E . -3.83 0.23 -17.56
C3 PEG E . -2.86 1.16 -17.01
C4 PEG E . -2.22 0.63 -15.75
O4 PEG E . -2.17 1.63 -14.77
C1 PEG F . 5.69 -29.33 -1.20
O1 PEG F . 5.26 -29.68 -2.42
C2 PEG F . 6.17 -30.58 -0.54
O2 PEG F . 6.26 -30.42 0.87
C3 PEG F . 6.61 -31.66 1.48
C4 PEG F . 5.84 -31.84 2.75
O4 PEG F . 6.70 -31.41 3.78
C1 PEG G . 2.54 -33.65 7.11
O1 PEG G . 1.30 -33.64 6.55
C2 PEG G . 2.51 -32.99 8.46
O2 PEG G . 3.82 -32.88 8.99
C3 PEG G . 4.55 -31.71 8.55
C4 PEG G . 5.68 -32.12 7.65
O4 PEG G . 5.30 -32.02 6.30
C1 PEG H . -4.86 -7.45 17.67
O1 PEG H . -6.11 -6.92 17.72
C2 PEG H . -3.98 -6.59 16.80
O2 PEG H . -4.55 -6.41 15.50
C3 PEG H . -3.57 -6.14 14.49
C4 PEG H . -4.24 -5.40 13.34
O4 PEG H . -5.56 -5.88 13.19
C1 PEG I . 0.09 -4.14 16.05
O1 PEG I . 1.26 -3.73 15.49
C2 PEG I . -0.84 -4.61 14.97
O2 PEG I . -0.80 -3.74 13.86
C3 PEG I . 0.19 -4.09 12.88
C4 PEG I . -0.06 -3.31 11.60
O4 PEG I . 1.16 -2.81 11.15
C1 PEG J . 11.99 7.81 -5.17
O1 PEG J . 12.50 8.96 -5.68
C2 PEG J . 11.13 8.14 -3.97
O2 PEG J . 10.38 7.02 -3.56
C3 PEG J . 10.31 6.87 -2.13
C4 PEG J . 9.09 6.02 -1.87
O4 PEG J . 8.73 5.48 -3.09
C1 PEG K . 6.18 8.84 -7.54
O1 PEG K . 7.19 9.61 -8.03
C2 PEG K . 5.42 9.66 -6.53
O2 PEG K . 5.73 9.26 -5.19
C3 PEG K . 4.70 8.41 -4.66
C4 PEG K . 5.04 8.14 -3.22
O4 PEG K . 6.15 8.94 -2.93
C5 PG0 L . 12.08 -5.05 6.07
O2 PG0 L . 11.80 -5.64 7.32
C4 PG0 L . 10.70 -5.11 8.04
C3 PG0 L . 10.98 -5.18 9.52
O1 PG0 L . 9.95 -4.56 10.28
C2 PG0 L . 10.19 -4.65 11.68
C1 PG0 L . 9.50 -3.51 12.41
OTT PG0 L . 10.04 -3.40 13.71
C5 PG0 M . 10.13 -29.86 -2.79
O2 PG0 M . 10.90 -29.64 -1.63
C4 PG0 M . 10.32 -30.16 -0.46
C3 PG0 M . 11.23 -29.92 0.73
O1 PG0 M . 10.62 -30.49 1.87
C2 PG0 M . 11.12 -30.06 3.12
C1 PG0 M . 10.40 -30.80 4.23
OTT PG0 M . 11.20 -30.80 5.39
C5 PG0 N . -11.04 -13.43 -5.53
O2 PG0 N . -9.90 -12.61 -5.52
C4 PG0 N . -8.71 -13.24 -5.98
C3 PG0 N . -7.64 -12.21 -6.24
O1 PG0 N . -7.64 -11.89 -7.61
C2 PG0 N . -6.66 -10.93 -8.03
C1 PG0 N . -5.38 -11.62 -8.45
OTT PG0 N . -5.16 -11.53 -9.85
C5 PG0 O . -9.69 -7.92 -0.10
O2 PG0 O . -8.94 -7.85 -1.29
C4 PG0 O . -8.01 -8.91 -1.45
C3 PG0 O . -6.92 -8.74 -0.41
O1 PG0 O . -6.93 -9.84 0.47
C2 PG0 O . -5.65 -10.25 0.85
C1 PG0 O . -4.77 -9.75 -0.26
OTT PG0 O . -4.13 -8.57 0.17
C5 PG0 P . 13.05 -21.55 -18.28
O2 PG0 P . 12.78 -20.19 -18.59
C4 PG0 P . 12.03 -19.97 -19.77
C3 PG0 P . 11.46 -18.57 -19.77
O1 PG0 P . 11.02 -18.21 -21.05
C2 PG0 P . 10.96 -16.82 -21.26
C1 PG0 P . 9.98 -16.45 -22.34
OTT PG0 P . 10.15 -17.28 -23.47
C5 PG0 Q . 6.03 -0.64 5.11
O2 PG0 Q . 6.08 0.13 6.31
C4 PG0 Q . 5.89 1.53 6.18
C3 PG0 Q . 6.68 2.30 7.24
O1 PG0 Q . 7.90 2.79 6.70
C2 PG0 Q . 8.63 3.66 7.54
C1 PG0 Q . 9.47 2.88 8.53
OTT PG0 Q . 10.59 3.64 8.95
O1 PG4 R . 8.07 -3.41 18.28
C1 PG4 R . 6.98 -3.82 17.55
C2 PG4 R . 6.21 -4.94 18.28
O2 PG4 R . 4.83 -4.74 18.16
C3 PG4 R . 4.42 -4.29 16.90
C4 PG4 R . 4.15 -2.76 16.86
O3 PG4 R . 4.73 -2.19 15.73
C5 PG4 R . 3.79 -1.54 14.80
C6 PG4 R . 4.52 -0.58 13.86
O4 PG4 R . 4.19 -0.86 12.48
C7 PG4 R . 3.98 0.26 11.61
C8 PG4 R . 2.99 -0.14 10.54
O5 PG4 R . 3.02 0.82 9.44
O1 PG4 S . -15.26 -11.97 13.23
C1 PG4 S . -14.16 -12.00 14.07
C2 PG4 S . -14.22 -10.91 15.13
O2 PG4 S . -13.32 -9.89 14.80
C3 PG4 S . -13.91 -8.82 14.13
C4 PG4 S . -13.22 -7.48 14.53
O3 PG4 S . -13.22 -7.33 15.91
C5 PG4 S . -12.24 -8.16 16.60
C6 PG4 S . -11.54 -7.38 17.71
O4 PG4 S . -12.49 -7.15 18.75
C7 PG4 S . -12.65 -8.29 19.61
C8 PG4 S . -14.00 -8.89 19.43
O5 PG4 S . -14.43 -9.47 20.69
O1 PG4 T . 17.86 -27.97 6.01
C1 PG4 T . 17.05 -28.37 7.08
C2 PG4 T . 15.58 -28.32 6.60
O2 PG4 T . 14.75 -29.16 7.36
C3 PG4 T . 13.54 -29.42 6.71
C4 PG4 T . 13.81 -29.42 5.17
O3 PG4 T . 14.59 -30.51 4.84
C5 PG4 T . 14.97 -30.61 3.44
C6 PG4 T . 14.87 -32.07 3.00
O4 PG4 T . 15.60 -32.24 1.78
C7 PG4 T . 14.90 -32.86 0.70
C8 PG4 T . 15.32 -32.23 -0.59
O5 PG4 T . 14.65 -32.86 -1.71
O1 PG4 U . 20.85 -6.22 -9.43
C1 PG4 U . 19.70 -5.56 -9.04
C2 PG4 U . 18.90 -6.53 -8.18
O2 PG4 U . 17.92 -5.79 -7.50
C3 PG4 U . 17.21 -6.51 -6.54
C4 PG4 U . 17.38 -5.81 -5.15
O3 PG4 U . 16.23 -5.97 -4.40
C5 PG4 U . 16.37 -5.48 -3.04
C6 PG4 U . 15.16 -5.90 -2.17
O4 PG4 U . 15.09 -5.08 -0.99
C7 PG4 U . 15.80 -5.61 0.12
C8 PG4 U . 16.56 -4.51 0.81
O5 PG4 U . 17.68 -5.09 1.52
O1 PG4 V . -4.72 -9.64 -14.29
C1 PG4 V . -4.33 -9.79 -15.61
C2 PG4 V . -3.92 -8.42 -16.18
O2 PG4 V . -3.28 -8.56 -17.43
C3 PG4 V . -3.24 -7.39 -18.17
C4 PG4 V . -2.62 -7.67 -19.56
O3 PG4 V . -1.64 -6.72 -19.84
C5 PG4 V . -2.17 -5.48 -20.38
C6 PG4 V . -1.00 -4.55 -20.70
O4 PG4 V . -0.17 -4.48 -19.53
C7 PG4 V . 0.78 -3.41 -19.50
C8 PG4 V . 2.05 -3.88 -20.15
O5 PG4 V . 3.07 -2.88 -19.95
OH2 1PE W . 8.78 -19.28 15.35
C12 1PE W . 8.06 -19.76 14.23
C22 1PE W . 7.01 -18.78 13.72
OH3 1PE W . 7.60 -17.83 12.81
C13 1PE W . 6.40 -15.71 12.31
C23 1PE W . 6.70 -17.19 11.88
OH4 1PE W . 6.72 -14.77 11.27
C14 1PE W . 7.51 -14.51 9.02
C24 1PE W . 7.69 -15.29 10.30
OH5 1PE W . 8.72 -13.93 8.51
C15 1PE W . 8.39 -14.84 6.33
C25 1PE W . 9.32 -14.73 7.49
OH6 1PE W . 9.18 -14.29 5.23
C16 1PE W . 11.27 -13.91 4.16
C26 1PE W . 10.56 -14.65 5.31
OH7 1PE W . 10.53 -14.03 2.91
C1 PGE X . 9.33 -15.11 13.51
O1 PGE X . 9.11 -13.84 14.12
C2 PGE X . 9.32 -16.24 14.53
O2 PGE X . 8.04 -16.46 15.10
C3 PGE X . 7.87 -16.05 16.45
C4 PGE X . 7.13 -14.71 16.53
O4 PGE X . 3.49 -15.31 16.26
C6 PGE X . 3.92 -15.52 14.91
C5 PGE X . 5.34 -15.04 14.96
O3 PGE X . 5.74 -14.92 16.34
CM2 218 Y . -11.70 4.23 -10.23
C2A 218 Y . -11.94 5.62 -9.63
N1A 218 Y . -11.69 6.68 -10.36
C6A 218 Y . -11.89 7.93 -9.84
C5A 218 Y . -12.32 8.07 -8.50
C7A 218 Y . -12.53 9.47 -7.89
N3 218 Y . -11.56 9.81 -6.83
C2 218 Y . -10.56 8.95 -6.54
C1 218 Y . -9.62 9.20 -5.50
C6 218 Y . -9.76 10.37 -4.70
C5 218 Y . -10.82 11.25 -5.03
CM6 218 Y . -11.03 12.55 -4.19
CM7 218 Y . -10.09 13.71 -4.55
OM7 218 Y . -8.78 13.18 -4.63
C4 218 Y . -11.74 10.92 -6.11
CM4 218 Y . -12.91 11.91 -6.41
C4A 218 Y . -12.56 6.87 -7.75
N4A 218 Y . -13.03 6.90 -6.37
N3A 218 Y . -12.31 5.68 -8.33
C1 BNG Z . -3.80 4.31 21.94
C2 BNG Z . -3.64 4.27 23.45
C3 BNG Z . -2.89 5.50 23.95
C4 BNG Z . -1.61 5.58 23.17
C5 BNG Z . -1.93 5.64 21.69
C6 BNG Z . -0.63 5.65 20.96
C1' BNG Z . -5.64 3.14 20.87
C2' BNG Z . -5.54 2.39 19.52
C3' BNG Z . -6.98 1.84 19.09
C4' BNG Z . -6.85 0.85 17.91
C5' BNG Z . -7.47 1.51 16.66
C6' BNG Z . -8.19 0.43 15.83
C7' BNG Z . -7.94 0.65 14.33
C8' BNG Z . -9.16 1.38 13.74
C9' BNG Z . -9.35 1.02 12.28
O1 BNG Z . -4.37 3.08 21.53
O2 BNG Z . -4.90 4.15 24.04
O3 BNG Z . -2.59 5.34 25.32
O4 BNG Z . -0.84 6.69 23.55
O5 BNG Z . -2.56 4.43 21.32
O6 BNG Z . -0.23 4.29 20.89
C1 BNG AA . -6.41 -2.62 0.32
C2 BNG AA . -6.33 -1.27 -0.41
C3 BNG AA . -7.29 -0.23 0.12
C4 BNG AA . -8.59 -0.84 0.53
C5 BNG AA . -8.30 -2.02 1.43
C6 BNG AA . -9.58 -2.62 1.91
C1' BNG AA . -5.50 -4.88 0.16
C2' BNG AA . -6.76 -5.64 0.60
C3' BNG AA . -6.43 -6.47 1.93
C4' BNG AA . -7.74 -6.81 2.68
C5' BNG AA . -8.04 -5.71 3.74
C6' BNG AA . -6.83 -5.56 4.71
C7' BNG AA . -7.29 -5.57 6.18
C8' BNG AA . -7.22 -4.16 6.74
C9' BNG AA . -6.68 -3.23 5.67
O1 BNG AA . -5.85 -3.64 -0.52
O2 BNG AA . -5.04 -0.73 -0.27
O3 BNG AA . -7.58 0.69 -0.90
O4 BNG AA . -9.30 0.16 1.20
O5 BNG AA . -7.71 -2.98 0.61
O6 BNG AA . -9.60 -3.96 1.43
C1 PEG BA . -3.37 -1.93 17.38
O1 PEG BA . -4.02 -1.57 18.51
C2 PEG BA . -4.38 -2.25 16.30
O2 PEG BA . -4.18 -1.39 15.20
C3 PEG BA . -3.87 -2.05 13.98
C4 PEG BA . -4.30 -1.16 12.84
O4 PEG BA . -3.86 -1.70 11.62
C1 PEG CA . -8.67 4.59 -18.64
O1 PEG CA . -9.81 4.51 -19.38
C2 PEG CA . -9.00 5.08 -17.26
O2 PEG CA . -7.84 5.17 -16.47
C3 PEG CA . -7.20 6.46 -16.52
C4 PEG CA . -6.20 6.51 -17.65
O4 PEG CA . -6.05 7.84 -18.06
C1 PEG DA . -13.65 -3.04 -22.41
O1 PEG DA . -13.86 -3.93 -21.39
C2 PEG DA . -13.70 -1.61 -21.96
O2 PEG DA . -15.02 -1.19 -21.59
C3 PEG DA . -15.48 -1.71 -20.31
C4 PEG DA . -14.50 -1.33 -19.20
O4 PEG DA . -13.67 -2.41 -18.82
O1 P6G EA . 6.47 17.17 -5.49
C2 P6G EA . 6.25 16.75 -4.18
C3 P6G EA . 5.83 17.93 -3.28
O4 P6G EA . 5.35 17.41 -2.04
C5 P6G EA . 5.29 18.36 -0.95
C6 P6G EA . 4.91 17.62 0.37
O7 P6G EA . 4.20 18.51 1.21
C8 P6G EA . 3.81 17.97 2.46
C9 P6G EA . 2.27 17.92 2.54
O10 P6G EA . 1.85 18.11 3.91
C11 P6G EA . 2.31 19.31 4.52
C12 P6G EA . 3.03 18.96 5.84
O13 P6G EA . 2.66 19.90 6.90
C14 P6G EA . 1.33 19.71 7.42
C15 P6G EA . 1.15 20.63 8.66
O16 P6G EA . 2.03 21.75 8.55
C17 P6G EA . 3.18 21.67 9.37
C18 P6G EA . 3.03 22.66 10.49
O19 P6G EA . 4.27 23.16 10.83
O1 P6G FA . -6.94 14.72 -5.87
C2 P6G FA . -6.89 14.08 -7.11
C3 P6G FA . -5.85 14.73 -8.01
O4 P6G FA . -5.81 14.03 -9.24
C5 P6G FA . -7.05 13.99 -10.00
C6 P6G FA . -6.73 13.09 -11.22
O7 P6G FA . -7.81 13.28 -12.11
C8 P6G FA . -7.94 12.18 -12.98
C9 P6G FA . -6.80 12.17 -14.01
O10 P6G FA . -7.28 11.63 -15.26
C11 P6G FA . -8.33 10.67 -15.06
C12 P6G FA . -8.43 9.90 -16.41
O13 P6G FA . -9.70 9.16 -16.47
C14 P6G FA . -10.08 8.52 -15.23
C15 P6G FA . -11.59 8.66 -14.90
O16 P6G FA . -11.90 9.97 -14.43
C17 P6G FA . -12.30 10.93 -15.41
C18 P6G FA . -11.99 12.32 -14.90
O19 P6G FA . -12.77 12.60 -13.79
O1 P6G GA . -12.54 20.75 -11.68
C2 P6G GA . -13.31 19.86 -10.95
C3 P6G GA . -14.76 19.92 -11.40
O4 P6G GA . -14.94 19.06 -12.51
C5 P6G GA . -14.01 19.27 -13.59
C6 P6G GA . -14.78 19.42 -14.94
O7 P6G GA . -15.35 18.20 -15.39
C8 P6G GA . -15.25 17.09 -14.50
C9 P6G GA . -13.95 16.34 -14.78
O10 P6G GA . -13.32 17.03 -15.88
C11 P6G GA . -12.13 17.75 -15.58
C12 P6G GA . -10.98 17.03 -16.31
O13 P6G GA . -10.10 16.52 -15.28
C14 P6G GA . -10.63 15.40 -14.53
C15 P6G GA . -9.45 14.82 -13.72
O16 P6G GA . -8.29 14.86 -14.57
C17 P6G GA . -7.18 15.57 -14.02
C18 P6G GA . -5.93 15.13 -14.75
O19 P6G GA . -4.95 14.70 -13.87
O1 P6G HA . -15.78 -9.58 -8.86
C2 P6G HA . -14.54 -9.67 -8.20
C3 P6G HA . -13.58 -8.63 -8.77
O4 P6G HA . -12.21 -9.05 -8.69
C5 P6G HA . -11.82 -9.43 -7.36
C6 P6G HA . -10.27 -9.55 -7.36
O7 P6G HA . -9.74 -8.27 -7.59
C8 P6G HA . -8.46 -8.26 -8.23
C9 P6G HA . -8.23 -6.89 -8.89
O10 P6G HA . -6.89 -6.81 -9.42
C11 P6G HA . -6.61 -7.69 -10.50
C12 P6G HA . -7.92 -8.20 -11.16
O13 P6G HA . -7.70 -8.57 -12.56
C14 P6G HA . -8.91 -8.97 -13.25
C15 P6G HA . -8.83 -8.55 -14.74
O16 P6G HA . -7.45 -8.35 -15.09
C17 P6G HA . -7.29 -7.71 -16.35
C18 P6G HA . -8.14 -8.40 -17.39
O19 P6G HA . -7.75 -7.96 -18.65
C5 PG0 IA . -24.58 17.79 -7.39
O2 PG0 IA . -24.00 17.75 -6.10
C4 PG0 IA . -23.62 19.01 -5.57
C3 PG0 IA . -24.01 19.04 -4.10
O1 PG0 IA . -22.86 19.03 -3.28
C2 PG0 IA . -22.75 17.86 -2.50
C1 PG0 IA . -22.96 18.20 -1.04
OTT PG0 IA . -23.28 17.00 -0.36
C5 PG0 JA . -1.10 26.65 18.26
O2 PG0 JA . -1.02 25.96 19.49
C4 PG0 JA . -2.06 26.26 20.39
C3 PG0 JA . -1.49 26.54 21.77
O1 PG0 JA . -1.52 25.37 22.56
C2 PG0 JA . -1.99 25.57 23.88
C1 PG0 JA . -3.48 25.78 23.84
OTT PG0 JA . -4.10 25.20 24.97
O1 PG4 KA . 6.03 10.01 -12.00
C1 PG4 KA . 6.23 11.36 -12.25
C2 PG4 KA . 5.61 12.20 -11.13
O2 PG4 KA . 4.21 12.28 -11.29
C3 PG4 KA . 3.56 13.09 -10.36
C4 PG4 KA . 3.90 12.56 -8.92
O3 PG4 KA . 3.33 13.40 -7.97
C5 PG4 KA . 4.30 14.01 -7.08
C6 PG4 KA . 3.61 14.43 -5.79
O4 PG4 KA . 4.19 13.67 -4.72
C7 PG4 KA . 5.62 13.75 -4.66
C8 PG4 KA . 6.13 13.15 -3.39
O5 PG4 KA . 6.28 14.17 -2.37
O1 PG4 LA . -9.90 15.99 21.97
C1 PG4 LA . -10.57 17.09 22.48
C2 PG4 LA . -11.95 17.20 21.81
O2 PG4 LA . -11.88 18.11 20.74
C3 PG4 LA . -13.13 18.56 20.32
C4 PG4 LA . -12.93 19.52 19.11
O3 PG4 LA . -14.14 19.82 18.51
C5 PG4 LA . -14.11 21.06 17.75
C6 PG4 LA . -15.41 21.82 18.01
O4 PG4 LA . -16.13 21.96 16.77
C7 PG4 LA . -15.44 22.72 15.78
C8 PG4 LA . -16.25 22.74 14.52
O5 PG4 LA . -17.54 23.34 14.76
O1 PG4 MA . 9.41 1.16 13.03
C1 PG4 MA . 9.10 1.71 14.25
C2 PG4 MA . 10.31 1.61 15.20
O2 PG4 MA . 10.32 2.75 16.02
C3 PG4 MA . 10.51 2.48 17.38
C4 PG4 MA . 9.18 2.00 18.06
O3 PG4 MA . 8.38 3.10 18.40
C5 PG4 MA . 8.85 4.35 17.84
C6 PG4 MA . 9.72 5.13 18.82
O4 PG4 MA . 10.79 5.74 18.09
C7 PG4 MA . 10.59 7.07 17.62
C8 PG4 MA . 11.76 7.45 16.77
O5 PG4 MA . 11.79 8.87 16.57
O1 PG4 NA . -3.00 10.89 -16.59
C1 PG4 NA . -1.70 10.69 -16.14
C2 PG4 NA . -0.80 10.45 -17.34
O2 PG4 NA . 0.51 10.25 -16.91
C3 PG4 NA . 1.21 9.35 -17.73
C4 PG4 NA . 1.30 9.89 -19.19
O3 PG4 NA . 2.40 10.74 -19.32
C5 PG4 NA . 3.56 10.12 -19.95
C6 PG4 NA . 4.26 9.19 -18.93
O4 PG4 NA . 5.30 8.44 -19.59
C7 PG4 NA . 5.95 7.49 -18.74
C8 PG4 NA . 7.42 7.54 -18.97
O5 PG4 NA . 7.99 8.52 -18.08
C48 PE5 OA . -18.54 24.74 11.92
C50 PE5 OA . -18.51 25.13 10.44
O1 PE5 OA . -19.47 24.33 9.76
C1 PE5 OA . -19.86 24.83 8.47
C2 PE5 OA . -21.39 24.76 8.34
O2 PE5 OA . -21.82 25.54 7.19
C3 PE5 OA . -21.16 25.17 5.97
C4 PE5 OA . -20.86 26.40 5.15
O3 PE5 OA . -19.69 27.13 5.73
C5 PE5 OA . -18.52 26.34 5.83
C6 PE5 OA . -17.70 26.83 7.05
O4 PE5 OA . -16.43 26.19 7.02
C7 PE5 OA . -15.71 26.44 5.82
C8 PE5 OA . -14.96 27.80 5.94
O5 PE5 OA . -13.54 27.61 5.80
C9 PE5 OA . -12.78 28.13 6.95
C10 PE5 OA . -11.37 27.68 6.87
O6 PE5 OA . -10.75 28.36 5.81
C11 PE5 OA . -10.17 29.58 6.21
C12 PE5 OA . -8.73 29.35 6.74
O7 PE5 OA . -8.47 30.36 7.76
C13 PE5 OA . -9.64 30.60 8.58
C14 PE5 OA . -9.36 31.68 9.61
O8 PE5 OA . -9.73 31.19 10.90
C15 PE5 OA . -11.08 30.87 11.01
C16 PE5 OA . -11.38 30.13 12.30
O52 PE5 OA . -12.53 29.38 12.15
C1 PGE PA . -21.29 22.00 0.98
O1 PGE PA . -21.98 21.08 1.81
C2 PGE PA . -21.19 21.43 -0.41
O2 PGE PA . -21.72 22.35 -1.35
C3 PGE PA . -20.90 22.54 -2.49
C4 PGE PA . -21.67 22.04 -3.70
O4 PGE PA . -22.09 20.97 -7.22
C6 PGE PA . -21.46 22.25 -7.21
C5 PGE PA . -21.72 22.92 -5.88
O3 PGE PA . -20.95 22.28 -4.89
C1 PGE QA . 3.80 -2.56 21.03
O1 PGE QA . 3.83 -3.98 21.06
C2 PGE QA . 2.56 -2.07 21.73
O2 PGE QA . 2.32 -0.73 21.38
C3 PGE QA . 1.02 -0.26 21.72
C4 PGE QA . 0.03 -0.85 20.73
O4 PGE QA . -0.51 2.87 18.89
C6 PGE QA . 0.49 1.87 18.75
C5 PGE QA . -0.11 0.48 18.79
O3 PGE QA . -0.64 0.21 20.08
#